data_2P56
#
_entry.id   2P56
#
_cell.length_a   112.396
_cell.length_b   112.396
_cell.length_c   58.799
_cell.angle_alpha   90.000
_cell.angle_beta   90.000
_cell.angle_gamma   90.000
#
_symmetry.space_group_name_H-M   'I 4'
#
loop_
_entity.id
_entity.type
_entity.pdbx_description
1 polymer Alpha-2,3-sialyltransferase
2 non-polymer 1,2-ETHANEDIOL
3 water water
#
_entity_poly.entity_id   1
_entity_poly.type   'polypeptide(L)'
_entity_poly.pdbx_seq_one_letter_code
;GSHMTRTRMENELIVSKNMQNIIIAGNGPSLKNINYKRLPREYDVFRCNQFYFEDKYYLGKKIKAVFFNPGVFLQQYHTA
KQLILKNEYEIKNIFCSTFNLPFIESNDFLHQFYNFFPDAKLGYEVIENLKEFYAYIKYNEIYFNKRITSGVYMCAIAIA
LGYKTIYLCGIDFYEGDVIYPFEAMSTNIKTIFPGIKDFKPSNCHSKEYDIEALKLLKSIYKVNIYALCDDSILANHFPL
SININNNFTLENKHNNSINDILLTDNTPGVSFYKNQLKADNKIMLNFY
;
_entity_poly.pdbx_strand_id   A
#
loop_
_chem_comp.id
_chem_comp.type
_chem_comp.name
_chem_comp.formula
EDO non-polymer 1,2-ETHANEDIOL 'C2 H6 O2'
#
# COMPACT_ATOMS: atom_id res chain seq x y z
N ARG A 8 14.49 10.81 -11.00
CA ARG A 8 14.30 10.81 -9.52
C ARG A 8 13.85 9.43 -9.06
N MET A 9 12.60 9.07 -9.36
CA MET A 9 12.11 7.75 -8.99
C MET A 9 12.02 6.83 -10.22
N GLU A 10 11.80 5.54 -9.98
CA GLU A 10 11.73 4.53 -11.04
C GLU A 10 10.66 4.70 -12.11
N ASN A 11 11.05 4.46 -13.36
CA ASN A 11 10.14 4.53 -14.50
C ASN A 11 9.24 3.30 -14.43
N GLU A 12 9.87 2.15 -14.23
CA GLU A 12 9.17 0.87 -14.12
C GLU A 12 9.83 0.12 -12.97
N LEU A 13 9.02 -0.60 -12.20
CA LEU A 13 9.53 -1.37 -11.06
C LEU A 13 9.83 -2.79 -11.54
N ILE A 14 11.12 -3.07 -11.77
CA ILE A 14 11.54 -4.39 -12.24
C ILE A 14 12.13 -5.26 -11.14
N VAL A 15 11.62 -6.48 -11.03
CA VAL A 15 12.10 -7.43 -10.02
C VAL A 15 13.07 -8.43 -10.68
N SER A 16 14.29 -8.49 -10.16
CA SER A 16 15.30 -9.42 -10.68
C SER A 16 15.09 -10.78 -10.04
N LYS A 17 15.30 -11.85 -10.81
CA LYS A 17 15.12 -13.21 -10.30
C LYS A 17 16.06 -13.55 -9.16
N ASN A 18 17.02 -12.66 -8.90
CA ASN A 18 18.00 -12.86 -7.83
C ASN A 18 17.48 -12.34 -6.49
N MET A 19 16.47 -11.47 -6.53
CA MET A 19 15.88 -10.91 -5.31
C MET A 19 14.37 -10.79 -5.51
N GLN A 20 13.64 -11.80 -5.05
CA GLN A 20 12.20 -11.83 -5.19
C GLN A 20 11.48 -11.80 -3.85
N ASN A 21 12.13 -11.21 -2.86
CA ASN A 21 11.56 -11.09 -1.53
C ASN A 21 10.95 -9.71 -1.36
N ILE A 22 9.73 -9.67 -0.82
CA ILE A 22 9.07 -8.40 -0.60
C ILE A 22 8.40 -8.40 0.76
N ILE A 23 8.54 -7.28 1.47
CA ILE A 23 7.92 -7.12 2.77
C ILE A 23 6.74 -6.19 2.56
N ILE A 24 5.54 -6.68 2.85
CA ILE A 24 4.32 -5.88 2.67
C ILE A 24 3.74 -5.58 4.04
N ALA A 25 3.62 -4.29 4.35
CA ALA A 25 3.11 -3.88 5.66
C ALA A 25 1.87 -2.99 5.67
N GLY A 26 0.97 -3.31 6.58
CA GLY A 26 -0.22 -2.50 6.75
C GLY A 26 0.15 -1.53 7.87
N ASN A 27 -0.83 -0.84 8.44
CA ASN A 27 -0.53 0.07 9.53
C ASN A 27 -1.19 -0.37 10.84
N GLY A 28 -1.51 -1.65 10.89
CA GLY A 28 -2.12 -2.19 12.09
C GLY A 28 -1.11 -2.24 13.22
N PRO A 29 -1.57 -2.49 14.46
CA PRO A 29 -0.74 -2.59 15.67
C PRO A 29 0.48 -3.49 15.53
N SER A 30 0.28 -4.66 14.91
CA SER A 30 1.36 -5.63 14.73
C SER A 30 2.60 -5.06 14.03
N LEU A 31 2.49 -3.86 13.48
CA LEU A 31 3.61 -3.22 12.78
C LEU A 31 4.76 -2.98 13.76
N LYS A 32 4.42 -2.73 15.01
CA LYS A 32 5.41 -2.47 16.04
C LYS A 32 5.84 -3.77 16.73
N ASN A 33 5.15 -4.86 16.41
CA ASN A 33 5.46 -6.16 16.98
C ASN A 33 6.03 -7.11 15.93
N ILE A 34 6.88 -6.58 15.06
CA ILE A 34 7.50 -7.42 14.03
C ILE A 34 8.63 -8.21 14.67
N ASN A 35 8.76 -9.48 14.28
CA ASN A 35 9.85 -10.30 14.81
C ASN A 35 10.97 -10.16 13.77
N TYR A 36 11.84 -9.20 13.99
CA TYR A 36 12.92 -8.92 13.06
C TYR A 36 13.85 -10.08 12.75
N LYS A 37 13.83 -11.10 13.61
CA LYS A 37 14.68 -12.26 13.38
C LYS A 37 14.16 -13.08 12.19
N ARG A 38 12.86 -12.94 11.92
CA ARG A 38 12.21 -13.68 10.84
C ARG A 38 12.34 -13.07 9.45
N LEU A 39 12.80 -11.82 9.37
CA LEU A 39 12.96 -11.18 8.06
C LEU A 39 14.04 -11.86 7.25
N PRO A 40 13.91 -11.86 5.91
CA PRO A 40 14.94 -12.50 5.08
C PRO A 40 16.09 -11.51 5.03
N ARG A 41 17.27 -11.95 4.61
CA ARG A 41 18.43 -11.07 4.54
C ARG A 41 18.31 -10.05 3.42
N GLU A 42 17.58 -10.39 2.38
CA GLU A 42 17.37 -9.50 1.24
C GLU A 42 15.89 -9.28 1.02
N TYR A 43 15.50 -8.04 0.69
CA TYR A 43 14.10 -7.72 0.43
C TYR A 43 13.81 -6.26 0.09
N ASP A 44 12.66 -6.04 -0.55
CA ASP A 44 12.17 -4.71 -0.89
C ASP A 44 10.99 -4.51 0.05
N VAL A 45 10.57 -3.27 0.26
CA VAL A 45 9.44 -2.98 1.15
C VAL A 45 8.32 -2.20 0.47
N PHE A 46 7.08 -2.56 0.77
CA PHE A 46 5.91 -1.88 0.23
C PHE A 46 5.19 -1.29 1.43
N ARG A 47 4.86 0.00 1.38
CA ARG A 47 4.13 0.65 2.46
C ARG A 47 2.86 1.25 1.85
N CYS A 48 1.86 1.50 2.70
CA CYS A 48 0.61 2.06 2.21
C CYS A 48 0.00 3.11 3.11
N ASN A 49 -0.87 3.91 2.51
CA ASN A 49 -1.61 4.94 3.22
C ASN A 49 -0.83 5.83 4.20
N GLN A 50 -1.27 5.87 5.45
CA GLN A 50 -0.61 6.72 6.46
C GLN A 50 0.59 6.07 7.15
N PHE A 51 1.44 5.38 6.38
CA PHE A 51 2.60 4.72 6.96
C PHE A 51 3.55 5.66 7.71
N TYR A 52 3.67 6.89 7.21
CA TYR A 52 4.56 7.89 7.81
C TYR A 52 4.13 8.30 9.21
N PHE A 53 2.90 7.97 9.60
CA PHE A 53 2.41 8.27 10.94
C PHE A 53 3.25 7.49 11.96
N GLU A 54 3.97 6.47 11.51
CA GLU A 54 4.79 5.65 12.40
C GLU A 54 5.83 6.48 13.17
N ASP A 55 5.94 6.21 14.47
CA ASP A 55 6.88 6.93 15.33
C ASP A 55 8.31 6.44 15.22
N LYS A 56 8.50 5.28 14.60
CA LYS A 56 9.83 4.72 14.42
C LYS A 56 9.90 4.09 13.03
N TYR A 57 11.12 3.91 12.52
CA TYR A 57 11.30 3.30 11.20
C TYR A 57 11.24 1.78 11.30
N TYR A 58 10.07 1.28 11.70
CA TYR A 58 9.84 -0.16 11.87
C TYR A 58 10.29 -1.04 10.71
N LEU A 59 10.47 -0.45 9.54
CA LEU A 59 10.94 -1.18 8.36
C LEU A 59 11.96 -0.38 7.60
N GLY A 60 12.65 0.51 8.29
CA GLY A 60 13.67 1.31 7.64
C GLY A 60 13.16 2.52 6.88
N LYS A 61 14.07 3.20 6.21
CA LYS A 61 13.75 4.41 5.45
C LYS A 61 13.58 4.21 3.95
N LYS A 62 14.04 3.07 3.43
CA LYS A 62 13.94 2.82 1.99
C LYS A 62 12.72 2.01 1.60
N ILE A 63 11.77 2.68 0.94
CA ILE A 63 10.54 2.05 0.50
C ILE A 63 10.58 1.87 -1.01
N LYS A 64 10.35 0.65 -1.48
CA LYS A 64 10.37 0.37 -2.92
C LYS A 64 9.12 0.98 -3.58
N ALA A 65 8.00 0.91 -2.89
CA ALA A 65 6.78 1.48 -3.42
C ALA A 65 5.80 1.78 -2.31
N VAL A 66 5.06 2.87 -2.47
CA VAL A 66 4.03 3.27 -1.53
C VAL A 66 2.70 3.18 -2.29
N PHE A 67 1.61 2.98 -1.58
CA PHE A 67 0.30 2.83 -2.19
C PHE A 67 -0.71 3.74 -1.52
N PHE A 68 -1.44 4.49 -2.32
CA PHE A 68 -2.45 5.42 -1.79
C PHE A 68 -3.80 5.27 -2.50
N ASN A 69 -4.86 5.52 -1.75
CA ASN A 69 -6.20 5.44 -2.29
C ASN A 69 -6.52 6.72 -3.07
N PRO A 70 -7.31 6.59 -4.14
CA PRO A 70 -7.69 7.74 -4.98
C PRO A 70 -8.34 8.91 -4.23
N GLY A 71 -9.21 8.60 -3.26
CA GLY A 71 -9.88 9.64 -2.50
C GLY A 71 -9.00 10.72 -1.90
N VAL A 72 -7.79 10.36 -1.50
CA VAL A 72 -6.85 11.30 -0.89
C VAL A 72 -5.52 11.31 -1.64
N PHE A 73 -5.52 10.85 -2.89
CA PHE A 73 -4.27 10.79 -3.62
C PHE A 73 -3.61 12.16 -3.78
N LEU A 74 -4.40 13.18 -4.05
CA LEU A 74 -3.84 14.51 -4.20
C LEU A 74 -2.96 14.87 -2.99
N GLN A 75 -3.52 14.75 -1.78
CA GLN A 75 -2.76 15.06 -0.57
C GLN A 75 -1.63 14.06 -0.26
N GLN A 76 -1.86 12.77 -0.52
CA GLN A 76 -0.82 11.78 -0.26
C GLN A 76 0.36 11.95 -1.21
N TYR A 77 0.05 12.27 -2.47
CA TYR A 77 1.12 12.45 -3.46
C TYR A 77 2.02 13.57 -2.98
N HIS A 78 1.39 14.67 -2.56
CA HIS A 78 2.11 15.83 -2.04
C HIS A 78 2.89 15.44 -0.79
N THR A 79 2.25 14.68 0.09
CA THR A 79 2.92 14.26 1.32
C THR A 79 4.14 13.40 1.03
N ALA A 80 4.06 12.54 0.02
CA ALA A 80 5.18 11.67 -0.34
C ALA A 80 6.37 12.45 -0.89
N LYS A 81 6.07 13.44 -1.72
CA LYS A 81 7.09 14.30 -2.32
C LYS A 81 7.88 14.98 -1.20
N GLN A 82 7.16 15.45 -0.19
CA GLN A 82 7.77 16.13 0.95
C GLN A 82 8.55 15.17 1.82
N LEU A 83 8.07 13.93 1.96
CA LEU A 83 8.79 12.95 2.76
C LEU A 83 10.15 12.72 2.10
N ILE A 84 10.15 12.76 0.77
CA ILE A 84 11.38 12.55 0.02
C ILE A 84 12.29 13.75 0.13
N LEU A 85 11.72 14.93 -0.09
CA LEU A 85 12.48 16.18 -0.02
C LEU A 85 13.11 16.42 1.35
N LYS A 86 12.38 16.06 2.41
CA LYS A 86 12.86 16.23 3.77
C LYS A 86 13.78 15.10 4.22
N ASN A 87 14.07 14.17 3.31
CA ASN A 87 14.94 13.03 3.61
C ASN A 87 14.40 12.06 4.66
N GLU A 88 13.10 12.07 4.90
CA GLU A 88 12.51 11.17 5.88
C GLU A 88 12.40 9.76 5.34
N TYR A 89 12.16 9.64 4.04
CA TYR A 89 12.07 8.33 3.40
C TYR A 89 12.63 8.40 1.99
N GLU A 90 12.97 7.24 1.45
CA GLU A 90 13.43 7.12 0.08
C GLU A 90 12.29 6.33 -0.56
N ILE A 91 11.63 6.90 -1.55
CA ILE A 91 10.50 6.23 -2.18
C ILE A 91 10.75 6.09 -3.67
N LYS A 92 10.86 4.85 -4.15
CA LYS A 92 11.14 4.60 -5.56
C LYS A 92 9.93 4.59 -6.49
N ASN A 93 8.75 4.31 -5.95
CA ASN A 93 7.53 4.27 -6.77
C ASN A 93 6.33 4.70 -5.94
N ILE A 94 5.34 5.29 -6.61
CA ILE A 94 4.13 5.74 -5.95
C ILE A 94 2.95 5.20 -6.75
N PHE A 95 2.17 4.32 -6.14
CA PHE A 95 1.00 3.75 -6.80
C PHE A 95 -0.29 4.31 -6.22
N CYS A 96 -1.32 4.32 -7.05
CA CYS A 96 -2.65 4.71 -6.62
C CYS A 96 -3.40 3.38 -6.70
N SER A 97 -3.86 2.88 -5.56
CA SER A 97 -4.57 1.60 -5.51
C SER A 97 -5.92 1.74 -6.19
N THR A 98 -6.02 1.19 -7.39
CA THR A 98 -7.22 1.27 -8.21
C THR A 98 -7.71 -0.06 -8.77
N PHE A 99 -8.98 -0.10 -9.16
CA PHE A 99 -9.60 -1.29 -9.72
C PHE A 99 -10.19 -1.05 -11.12
N ASN A 100 -10.21 0.20 -11.55
CA ASN A 100 -10.77 0.57 -12.84
C ASN A 100 -12.24 0.16 -12.89
N LEU A 101 -13.02 0.65 -11.94
CA LEU A 101 -14.47 0.42 -11.86
C LEU A 101 -15.06 1.82 -11.69
N PRO A 102 -15.96 2.20 -12.60
CA PRO A 102 -16.60 3.52 -12.60
C PRO A 102 -17.35 3.94 -11.33
N PHE A 103 -17.75 2.99 -10.49
CA PHE A 103 -18.43 3.36 -9.27
C PHE A 103 -17.44 3.49 -8.10
N ILE A 104 -16.16 3.32 -8.39
CA ILE A 104 -15.11 3.47 -7.38
C ILE A 104 -14.22 4.64 -7.79
N GLU A 105 -13.80 4.67 -9.05
CA GLU A 105 -12.97 5.76 -9.55
C GLU A 105 -13.67 6.44 -10.73
N SER A 106 -13.92 7.74 -10.61
CA SER A 106 -14.61 8.47 -11.68
C SER A 106 -13.78 8.42 -12.95
N ASN A 107 -14.42 8.66 -14.09
CA ASN A 107 -13.72 8.63 -15.36
C ASN A 107 -12.73 9.78 -15.44
N ASP A 108 -13.11 10.93 -14.89
CA ASP A 108 -12.25 12.09 -14.90
C ASP A 108 -10.98 11.81 -14.12
N PHE A 109 -11.15 11.19 -12.95
CA PHE A 109 -10.01 10.86 -12.11
C PHE A 109 -9.02 9.99 -12.86
N LEU A 110 -9.51 8.88 -13.40
CA LEU A 110 -8.65 7.95 -14.13
C LEU A 110 -8.06 8.57 -15.37
N HIS A 111 -8.90 9.25 -16.15
CA HIS A 111 -8.43 9.87 -17.38
C HIS A 111 -7.45 11.02 -17.18
N GLN A 112 -7.57 11.74 -16.07
CA GLN A 112 -6.66 12.87 -15.83
C GLN A 112 -5.51 12.50 -14.90
N PHE A 113 -5.52 11.27 -14.39
CA PHE A 113 -4.49 10.83 -13.45
C PHE A 113 -3.05 11.19 -13.80
N TYR A 114 -2.56 10.70 -14.95
CA TYR A 114 -1.20 11.00 -15.35
C TYR A 114 -0.97 12.47 -15.69
N ASN A 115 -2.02 13.19 -16.08
CA ASN A 115 -1.84 14.60 -16.40
C ASN A 115 -1.42 15.34 -15.14
N PHE A 116 -1.95 14.92 -14.00
CA PHE A 116 -1.65 15.52 -12.71
C PHE A 116 -0.47 14.90 -12.00
N PHE A 117 -0.30 13.58 -12.16
CA PHE A 117 0.77 12.85 -11.49
C PHE A 117 1.54 12.00 -12.50
N PRO A 118 2.33 12.67 -13.35
CA PRO A 118 3.13 12.02 -14.41
C PRO A 118 4.07 10.90 -14.00
N ASP A 119 4.66 10.98 -12.81
CA ASP A 119 5.60 9.95 -12.35
C ASP A 119 4.96 8.92 -11.42
N ALA A 120 3.64 8.99 -11.25
CA ALA A 120 2.93 8.05 -10.41
C ALA A 120 2.45 6.87 -11.26
N LYS A 121 1.78 5.89 -10.64
CA LYS A 121 1.33 4.72 -11.40
C LYS A 121 -0.03 4.21 -10.95
N LEU A 122 -0.89 3.90 -11.92
CA LEU A 122 -2.21 3.37 -11.61
C LEU A 122 -2.07 1.88 -11.35
N GLY A 123 -2.43 1.44 -10.16
CA GLY A 123 -2.31 0.03 -9.79
C GLY A 123 -3.06 -0.97 -10.64
N TYR A 124 -4.25 -0.62 -11.09
CA TYR A 124 -5.04 -1.56 -11.90
C TYR A 124 -4.34 -2.00 -13.18
N GLU A 125 -3.48 -1.15 -13.74
CA GLU A 125 -2.76 -1.50 -14.96
C GLU A 125 -1.75 -2.61 -14.66
N VAL A 126 -1.41 -2.79 -13.39
CA VAL A 126 -0.50 -3.84 -12.97
C VAL A 126 -1.25 -5.11 -12.60
N ILE A 127 -2.25 -5.01 -11.72
CA ILE A 127 -2.99 -6.21 -11.33
C ILE A 127 -3.93 -6.78 -12.40
N GLU A 128 -4.26 -6.00 -13.42
CA GLU A 128 -5.15 -6.52 -14.46
C GLU A 128 -4.50 -7.68 -15.21
N ASN A 129 -3.20 -7.86 -15.01
CA ASN A 129 -2.47 -8.94 -15.66
C ASN A 129 -2.70 -10.27 -14.95
N LEU A 130 -3.12 -10.20 -13.69
CA LEU A 130 -3.43 -11.41 -12.93
C LEU A 130 -4.87 -11.69 -13.33
N LYS A 131 -5.03 -12.07 -14.60
CA LYS A 131 -6.34 -12.31 -15.19
C LYS A 131 -7.37 -13.04 -14.36
N GLU A 132 -7.01 -14.19 -13.82
CA GLU A 132 -7.95 -14.96 -13.02
C GLU A 132 -8.28 -14.24 -11.71
N PHE A 133 -7.27 -13.71 -11.04
CA PHE A 133 -7.50 -13.01 -9.77
C PHE A 133 -8.31 -11.74 -10.01
N TYR A 134 -7.95 -11.02 -11.06
CA TYR A 134 -8.64 -9.78 -11.42
C TYR A 134 -10.13 -10.01 -11.64
N ALA A 135 -10.48 -11.03 -12.43
CA ALA A 135 -11.88 -11.33 -12.70
C ALA A 135 -12.57 -11.72 -11.40
N TYR A 136 -11.82 -12.38 -10.53
CA TYR A 136 -12.35 -12.82 -9.24
C TYR A 136 -12.68 -11.66 -8.29
N ILE A 137 -11.81 -10.65 -8.19
CA ILE A 137 -12.13 -9.55 -7.29
C ILE A 137 -13.22 -8.64 -7.86
N LYS A 138 -13.28 -8.49 -9.18
CA LYS A 138 -14.32 -7.65 -9.78
C LYS A 138 -15.68 -8.30 -9.62
N TYR A 139 -15.72 -9.62 -9.72
CA TYR A 139 -16.98 -10.34 -9.58
C TYR A 139 -17.48 -10.14 -8.14
N ASN A 140 -16.60 -10.34 -7.17
CA ASN A 140 -16.99 -10.18 -5.77
C ASN A 140 -17.38 -8.75 -5.43
N GLU A 141 -16.61 -7.79 -5.95
CA GLU A 141 -16.90 -6.38 -5.70
C GLU A 141 -18.27 -6.02 -6.25
N ILE A 142 -18.43 -6.17 -7.56
CA ILE A 142 -19.67 -5.82 -8.23
C ILE A 142 -20.93 -6.53 -7.77
N TYR A 143 -20.88 -7.85 -7.67
CA TYR A 143 -22.08 -8.58 -7.29
C TYR A 143 -22.28 -8.87 -5.81
N PHE A 144 -21.22 -8.76 -5.02
CA PHE A 144 -21.35 -9.06 -3.59
C PHE A 144 -20.84 -7.99 -2.64
N ASN A 145 -20.35 -6.88 -3.18
CA ASN A 145 -19.84 -5.78 -2.36
C ASN A 145 -18.69 -6.20 -1.46
N LYS A 146 -17.77 -7.00 -1.97
CA LYS A 146 -16.61 -7.42 -1.18
C LYS A 146 -15.38 -6.83 -1.85
N ARG A 147 -14.54 -6.17 -1.06
CA ARG A 147 -13.34 -5.55 -1.59
C ARG A 147 -12.15 -5.92 -0.73
N ILE A 148 -11.01 -6.15 -1.37
CA ILE A 148 -9.81 -6.49 -0.63
C ILE A 148 -9.25 -5.21 -0.02
N THR A 149 -8.51 -5.35 1.08
CA THR A 149 -7.89 -4.20 1.75
C THR A 149 -6.54 -3.94 1.10
N SER A 150 -5.95 -2.80 1.42
CA SER A 150 -4.66 -2.38 0.87
C SER A 150 -3.52 -3.40 0.96
N GLY A 151 -3.45 -4.13 2.06
CA GLY A 151 -2.39 -5.12 2.20
C GLY A 151 -2.50 -6.19 1.14
N VAL A 152 -3.73 -6.66 0.92
CA VAL A 152 -3.99 -7.68 -0.08
C VAL A 152 -3.75 -7.11 -1.47
N TYR A 153 -4.13 -5.85 -1.65
CA TYR A 153 -3.93 -5.18 -2.94
C TYR A 153 -2.44 -5.15 -3.25
N MET A 154 -1.63 -4.82 -2.25
CA MET A 154 -0.19 -4.76 -2.41
C MET A 154 0.40 -6.14 -2.70
N CYS A 155 -0.18 -7.19 -2.13
CA CYS A 155 0.30 -8.56 -2.38
C CYS A 155 0.10 -8.87 -3.86
N ALA A 156 -1.09 -8.55 -4.37
CA ALA A 156 -1.40 -8.80 -5.77
C ALA A 156 -0.44 -8.04 -6.66
N ILE A 157 -0.17 -6.78 -6.31
CA ILE A 157 0.74 -5.94 -7.08
C ILE A 157 2.14 -6.58 -7.07
N ALA A 158 2.58 -7.03 -5.90
CA ALA A 158 3.90 -7.66 -5.76
C ALA A 158 3.99 -8.91 -6.64
N ILE A 159 2.94 -9.72 -6.60
CA ILE A 159 2.90 -10.94 -7.38
C ILE A 159 2.94 -10.64 -8.88
N ALA A 160 2.12 -9.71 -9.34
CA ALA A 160 2.08 -9.35 -10.76
C ALA A 160 3.42 -8.79 -11.23
N LEU A 161 4.16 -8.21 -10.30
CA LEU A 161 5.46 -7.63 -10.62
C LEU A 161 6.60 -8.66 -10.63
N GLY A 162 6.38 -9.82 -10.02
CA GLY A 162 7.43 -10.83 -10.04
C GLY A 162 8.00 -11.31 -8.72
N TYR A 163 7.54 -10.77 -7.60
CA TYR A 163 8.05 -11.22 -6.31
C TYR A 163 7.46 -12.59 -6.08
N LYS A 164 8.23 -13.49 -5.47
CA LYS A 164 7.76 -14.87 -5.25
C LYS A 164 7.51 -15.21 -3.79
N THR A 165 8.13 -14.46 -2.88
CA THR A 165 7.92 -14.71 -1.45
C THR A 165 7.48 -13.43 -0.75
N ILE A 166 6.34 -13.51 -0.07
CA ILE A 166 5.76 -12.37 0.63
C ILE A 166 5.81 -12.53 2.14
N TYR A 167 6.23 -11.46 2.83
CA TYR A 167 6.29 -11.45 4.30
C TYR A 167 5.34 -10.35 4.77
N LEU A 168 4.32 -10.72 5.54
CA LEU A 168 3.32 -9.74 6.00
C LEU A 168 3.45 -9.29 7.46
N CYS A 169 3.07 -8.03 7.68
CA CYS A 169 3.09 -7.42 9.00
C CYS A 169 2.18 -6.20 8.96
N GLY A 170 1.68 -5.78 10.12
CA GLY A 170 0.80 -4.63 10.17
C GLY A 170 -0.61 -4.93 9.67
N ILE A 171 -0.86 -6.20 9.33
CA ILE A 171 -2.18 -6.62 8.86
C ILE A 171 -2.96 -7.19 10.05
N ASP A 172 -3.86 -6.37 10.61
CA ASP A 172 -4.65 -6.79 11.75
C ASP A 172 -6.13 -6.56 11.47
N PHE A 173 -7.00 -7.28 12.18
CA PHE A 173 -8.45 -7.14 11.98
C PHE A 173 -9.26 -7.86 13.06
N MET A 185 -3.02 12.85 14.17
CA MET A 185 -3.43 11.65 13.44
C MET A 185 -4.36 12.00 12.27
N SER A 186 -5.61 11.54 12.35
CA SER A 186 -6.58 11.83 11.30
C SER A 186 -7.16 13.23 11.47
N THR A 187 -6.46 14.08 12.21
CA THR A 187 -6.91 15.45 12.44
C THR A 187 -6.90 16.23 11.13
N ASN A 188 -5.85 16.06 10.33
CA ASN A 188 -5.77 16.74 9.04
C ASN A 188 -6.80 16.11 8.10
N ILE A 189 -7.09 14.84 8.36
CA ILE A 189 -8.07 14.11 7.56
C ILE A 189 -9.45 14.68 7.85
N LYS A 190 -9.68 15.06 9.10
CA LYS A 190 -10.96 15.62 9.53
C LYS A 190 -11.19 16.97 8.87
N THR A 191 -10.11 17.73 8.67
CA THR A 191 -10.23 19.03 8.04
C THR A 191 -10.40 18.83 6.52
N ILE A 192 -9.81 17.75 6.00
CA ILE A 192 -9.92 17.43 4.57
C ILE A 192 -11.34 16.98 4.27
N PHE A 193 -11.90 16.15 5.15
CA PHE A 193 -13.27 15.65 5.00
C PHE A 193 -14.12 16.11 6.17
N PRO A 194 -14.75 17.29 6.05
CA PRO A 194 -15.59 17.78 7.15
C PRO A 194 -16.85 16.92 7.31
N GLY A 195 -16.85 16.06 8.34
CA GLY A 195 -17.99 15.19 8.59
C GLY A 195 -17.55 13.75 8.82
N ILE A 196 -18.43 12.96 9.44
CA ILE A 196 -18.13 11.55 9.72
C ILE A 196 -18.58 10.63 8.59
N ASN A 203 -17.96 -1.58 5.04
CA ASN A 203 -18.69 -2.83 5.14
C ASN A 203 -18.38 -3.79 3.99
N CYS A 204 -17.46 -3.41 3.10
CA CYS A 204 -17.09 -4.26 1.98
C CYS A 204 -15.82 -5.04 2.27
N HIS A 205 -15.13 -4.68 3.35
CA HIS A 205 -13.90 -5.36 3.75
C HIS A 205 -14.20 -6.37 4.86
N SER A 206 -13.42 -7.44 4.90
CA SER A 206 -13.61 -8.45 5.95
C SER A 206 -12.38 -9.33 6.08
N LYS A 207 -12.16 -9.79 7.30
CA LYS A 207 -11.03 -10.66 7.61
C LYS A 207 -11.08 -11.90 6.71
N GLU A 208 -12.27 -12.47 6.56
CA GLU A 208 -12.46 -13.67 5.75
C GLU A 208 -12.21 -13.46 4.27
N TYR A 209 -12.68 -12.35 3.70
CA TYR A 209 -12.46 -12.12 2.29
C TYR A 209 -10.96 -11.93 2.05
N ASP A 210 -10.32 -11.14 2.91
CA ASP A 210 -8.89 -10.91 2.79
C ASP A 210 -8.10 -12.21 2.77
N ILE A 211 -8.36 -13.09 3.75
CA ILE A 211 -7.65 -14.37 3.84
C ILE A 211 -7.88 -15.20 2.59
N GLU A 212 -9.14 -15.34 2.20
CA GLU A 212 -9.51 -16.11 1.01
C GLU A 212 -8.80 -15.58 -0.23
N ALA A 213 -8.75 -14.26 -0.37
CA ALA A 213 -8.09 -13.66 -1.53
C ALA A 213 -6.60 -13.92 -1.49
N LEU A 214 -6.04 -13.92 -0.29
CA LEU A 214 -4.61 -14.16 -0.13
C LEU A 214 -4.31 -15.61 -0.49
N LYS A 215 -5.16 -16.52 -0.02
CA LYS A 215 -4.98 -17.94 -0.30
C LYS A 215 -5.11 -18.20 -1.79
N LEU A 216 -6.01 -17.45 -2.46
CA LEU A 216 -6.19 -17.62 -3.88
C LEU A 216 -4.93 -17.17 -4.62
N LEU A 217 -4.39 -16.01 -4.23
CA LEU A 217 -3.18 -15.50 -4.87
C LEU A 217 -2.08 -16.55 -4.75
N LYS A 218 -2.03 -17.23 -3.60
CA LYS A 218 -1.03 -18.25 -3.35
C LYS A 218 -1.19 -19.47 -4.25
N SER A 219 -2.38 -20.04 -4.31
CA SER A 219 -2.61 -21.22 -5.13
C SER A 219 -2.61 -20.99 -6.64
N ILE A 220 -2.95 -19.78 -7.09
CA ILE A 220 -2.96 -19.54 -8.53
C ILE A 220 -1.58 -19.19 -9.09
N TYR A 221 -0.87 -18.31 -8.39
CA TYR A 221 0.43 -17.84 -8.86
C TYR A 221 1.67 -18.47 -8.23
N LYS A 222 1.46 -19.51 -7.44
CA LYS A 222 2.55 -20.23 -6.78
C LYS A 222 3.61 -19.35 -6.15
N VAL A 223 3.25 -18.70 -5.05
CA VAL A 223 4.18 -17.84 -4.31
C VAL A 223 4.05 -18.22 -2.85
N ASN A 224 4.99 -17.79 -2.02
CA ASN A 224 4.90 -18.10 -0.61
C ASN A 224 4.52 -16.86 0.18
N ILE A 225 3.71 -17.08 1.21
CA ILE A 225 3.25 -15.99 2.06
C ILE A 225 3.47 -16.32 3.53
N TYR A 226 4.32 -15.53 4.17
CA TYR A 226 4.63 -15.71 5.58
C TYR A 226 4.17 -14.52 6.42
N ALA A 227 4.01 -14.78 7.72
CA ALA A 227 3.62 -13.77 8.69
C ALA A 227 4.93 -13.41 9.38
N LEU A 228 4.99 -12.23 9.99
CA LEU A 228 6.20 -11.80 10.69
C LEU A 228 5.93 -11.45 12.15
N CYS A 229 4.66 -11.32 12.50
CA CYS A 229 4.27 -10.96 13.86
C CYS A 229 3.68 -12.14 14.61
N ASP A 230 4.44 -12.62 15.59
CA ASP A 230 4.07 -13.77 16.39
C ASP A 230 2.69 -13.72 17.04
N ASP A 231 2.31 -12.57 17.59
CA ASP A 231 1.01 -12.47 18.24
C ASP A 231 -0.10 -11.80 17.44
N SER A 232 -0.11 -12.05 16.12
CA SER A 232 -1.13 -11.45 15.26
C SER A 232 -2.13 -12.50 14.80
N ILE A 233 -3.38 -12.09 14.61
CA ILE A 233 -4.42 -12.99 14.15
C ILE A 233 -3.98 -13.58 12.80
N LEU A 234 -3.21 -12.78 12.08
CA LEU A 234 -2.70 -13.15 10.77
C LEU A 234 -1.87 -14.44 10.85
N ALA A 235 -1.12 -14.58 11.95
CA ALA A 235 -0.28 -15.75 12.14
C ALA A 235 -1.06 -17.05 12.27
N ASN A 236 -2.35 -16.96 12.57
CA ASN A 236 -3.18 -18.16 12.70
C ASN A 236 -3.60 -18.66 11.32
N HIS A 237 -3.30 -17.87 10.28
CA HIS A 237 -3.69 -18.24 8.93
C HIS A 237 -2.51 -18.46 7.99
N PHE A 238 -1.39 -17.81 8.27
CA PHE A 238 -0.20 -17.98 7.46
C PHE A 238 0.96 -18.31 8.39
N PRO A 239 1.87 -19.20 7.95
CA PRO A 239 3.02 -19.60 8.76
C PRO A 239 4.04 -18.50 9.02
N LEU A 240 4.38 -18.30 10.30
CA LEU A 240 5.37 -17.32 10.67
C LEU A 240 6.64 -17.69 9.94
N SER A 241 7.38 -16.70 9.49
CA SER A 241 8.64 -16.96 8.80
C SER A 241 9.61 -17.59 9.81
N ILE A 242 10.56 -18.37 9.32
CA ILE A 242 11.54 -19.01 10.20
C ILE A 242 12.45 -17.99 10.89
N ASN A 243 12.69 -18.18 12.18
CA ASN A 243 13.60 -17.31 12.94
C ASN A 243 15.00 -17.68 12.48
N ILE A 244 15.57 -16.90 11.56
CA ILE A 244 16.93 -17.17 11.08
C ILE A 244 17.92 -16.25 11.80
N ASN A 245 17.53 -15.82 12.99
CA ASN A 245 18.35 -14.95 13.83
C ASN A 245 18.79 -13.66 13.14
N ASN A 246 17.91 -13.10 12.31
CA ASN A 246 18.22 -11.85 11.62
C ASN A 246 18.22 -10.72 12.64
N ASN A 247 18.94 -9.64 12.36
CA ASN A 247 19.01 -8.50 13.25
C ASN A 247 18.43 -7.24 12.60
N PHE A 248 18.08 -6.26 13.41
CA PHE A 248 17.51 -5.02 12.89
C PHE A 248 17.73 -3.81 13.79
N THR A 249 18.18 -2.70 13.20
CA THR A 249 18.39 -1.48 13.97
C THR A 249 17.13 -0.62 13.87
N LEU A 250 16.40 -0.53 14.96
CA LEU A 250 15.17 0.25 15.00
C LEU A 250 15.50 1.72 15.24
N GLU A 251 15.37 2.52 14.19
CA GLU A 251 15.65 3.95 14.24
C GLU A 251 14.38 4.74 14.58
N ASN A 252 14.48 5.63 15.56
CA ASN A 252 13.32 6.44 15.93
C ASN A 252 13.16 7.60 14.95
N LYS A 253 11.92 8.07 14.78
CA LYS A 253 11.66 9.18 13.88
C LYS A 253 12.11 10.50 14.51
N HIS A 254 12.58 11.43 13.68
CA HIS A 254 13.00 12.72 14.21
C HIS A 254 11.83 13.51 14.77
N ASN A 255 12.14 14.48 15.63
CA ASN A 255 11.15 15.33 16.28
C ASN A 255 10.10 15.93 15.37
N ASN A 256 10.55 16.62 14.32
CA ASN A 256 9.64 17.27 13.40
C ASN A 256 9.24 16.42 12.20
N SER A 257 9.21 15.10 12.39
CA SER A 257 8.81 14.20 11.30
C SER A 257 7.37 14.47 10.90
N ILE A 258 7.09 14.36 9.61
CA ILE A 258 5.72 14.54 9.14
C ILE A 258 4.98 13.34 9.71
N ASN A 259 3.96 13.59 10.53
CA ASN A 259 3.20 12.51 11.15
C ASN A 259 1.72 12.57 10.81
N ASP A 260 1.34 13.46 9.91
CA ASP A 260 -0.06 13.55 9.51
C ASP A 260 -0.09 13.90 8.03
N ILE A 261 -1.16 13.51 7.35
CA ILE A 261 -1.30 13.80 5.93
C ILE A 261 -1.27 15.31 5.72
N LEU A 262 -0.48 15.76 4.76
CA LEU A 262 -0.34 17.18 4.45
C LEU A 262 -1.54 17.80 3.76
N LEU A 263 -1.84 19.05 4.11
CA LEU A 263 -2.95 19.77 3.49
C LEU A 263 -2.42 20.49 2.26
N THR A 264 -3.28 20.71 1.28
CA THR A 264 -2.87 21.40 0.07
C THR A 264 -3.37 22.85 0.05
N ASP A 265 -2.65 23.72 -0.66
CA ASP A 265 -3.03 25.12 -0.79
C ASP A 265 -4.05 25.24 -1.92
N ASN A 266 -4.96 26.20 -1.81
CA ASN A 266 -5.98 26.38 -2.84
C ASN A 266 -5.50 27.12 -4.08
N THR A 267 -4.49 26.56 -4.73
CA THR A 267 -3.94 27.11 -5.96
C THR A 267 -4.97 26.88 -7.05
N PRO A 268 -4.73 27.42 -8.26
CA PRO A 268 -5.69 27.20 -9.35
C PRO A 268 -5.79 25.71 -9.71
N GLY A 269 -4.64 25.02 -9.66
CA GLY A 269 -4.61 23.60 -9.98
C GLY A 269 -5.32 22.74 -8.96
N VAL A 270 -5.08 23.01 -7.67
CA VAL A 270 -5.73 22.26 -6.61
C VAL A 270 -7.22 22.53 -6.55
N SER A 271 -7.62 23.79 -6.70
CA SER A 271 -9.05 24.11 -6.66
C SER A 271 -9.77 23.45 -7.84
N PHE A 272 -9.11 23.42 -9.00
CA PHE A 272 -9.71 22.77 -10.17
C PHE A 272 -9.90 21.27 -9.88
N TYR A 273 -8.85 20.65 -9.35
CA TYR A 273 -8.86 19.21 -9.02
C TYR A 273 -9.95 18.86 -8.00
N LYS A 274 -9.96 19.59 -6.89
CA LYS A 274 -10.95 19.36 -5.84
C LYS A 274 -12.38 19.65 -6.31
N ASN A 275 -12.55 20.67 -7.11
CA ASN A 275 -13.88 21.03 -7.59
C ASN A 275 -14.46 19.88 -8.40
N GLN A 276 -13.62 19.29 -9.25
CA GLN A 276 -14.03 18.19 -10.10
C GLN A 276 -14.26 16.91 -9.29
N LEU A 277 -13.43 16.66 -8.29
CA LEU A 277 -13.58 15.48 -7.45
C LEU A 277 -14.92 15.55 -6.73
N LYS A 278 -15.17 16.70 -6.08
CA LYS A 278 -16.41 16.90 -5.35
C LYS A 278 -17.62 16.58 -6.21
N ALA A 279 -17.62 17.09 -7.44
CA ALA A 279 -18.73 16.84 -8.37
C ALA A 279 -18.98 15.35 -8.53
N ASP A 280 -17.91 14.59 -8.74
CA ASP A 280 -18.00 13.15 -8.93
C ASP A 280 -18.02 12.43 -7.58
N ASN A 281 -19.20 12.34 -6.98
CA ASN A 281 -19.37 11.68 -5.69
C ASN A 281 -20.85 11.65 -5.29
C1 EDO B . 16.98 -5.31 2.51
O1 EDO B . 17.67 -5.57 1.28
C2 EDO B . 17.96 -5.20 3.63
O2 EDO B . 19.00 -6.23 3.67
C1 EDO C . 0.37 22.21 -1.11
O1 EDO C . -0.39 22.89 -2.13
C2 EDO C . 1.35 23.17 -0.51
O2 EDO C . 1.20 23.40 0.92
C1 EDO D . -8.47 -0.36 3.78
O1 EDO D . -7.40 -1.22 3.34
C2 EDO D . -8.14 1.05 3.46
O2 EDO D . -7.31 1.26 2.27
C1 EDO E . -8.43 -1.45 -1.48
O1 EDO E . -9.49 -0.79 -0.73
C2 EDO E . -7.48 -0.44 -2.01
O2 EDO E . -6.55 0.10 -1.03
C1 EDO F . -12.39 8.86 -6.04
O1 EDO F . -12.12 9.88 -5.08
C2 EDO F . -12.17 9.40 -7.41
O2 EDO F . -13.10 8.91 -8.43
#